data_6JET
#
_entry.id   6JET
#
_cell.length_a   43.666
_cell.length_b   112.903
_cell.length_c   43.678
_cell.angle_alpha   90.000
_cell.angle_beta   102.850
_cell.angle_gamma   90.000
#
_symmetry.space_group_name_H-M   'P 1 21 1'
#
loop_
_entity.id
_entity.type
_entity.pdbx_description
1 polymer 'Peptide deformylase'
2 non-polymer 'ZINC ION'
3 non-polymer ACTINONIN
4 water water
#
_entity_poly.entity_id   1
_entity_poly.type   'polypeptide(L)'
_entity_poly.pdbx_seq_one_letter_code
;ALLPILSFPDPRLRTIAKPVEEVTDEIRQLAADMFETMYAAPGIGLAASQVDRHIQLIVMDLSESKDEPMVFINPKVTPL
TEETQPYEEGCLSVPQIYDKVDRPSRVKIEAINLEGQAFEIEADGLLAVCIQHEMDHLNGKLFVDYLSPLKRQRAREKVE
KIVRQREREKV
;
_entity_poly.pdbx_strand_id   A,B
#
# COMPACT_ATOMS: atom_id res chain seq x y z
N ALA A 1 2.75 0.57 11.76
CA ALA A 1 1.74 0.00 10.86
C ALA A 1 1.39 1.00 9.76
N LEU A 2 0.35 0.67 9.00
CA LEU A 2 -0.35 1.67 8.21
C LEU A 2 -1.51 2.18 9.06
N LEU A 3 -1.77 3.47 8.96
CA LEU A 3 -2.61 4.15 9.95
C LEU A 3 -4.05 4.22 9.46
N PRO A 4 -5.01 4.29 10.41
CA PRO A 4 -6.38 4.57 10.01
C PRO A 4 -6.50 5.94 9.29
N ILE A 5 -7.32 5.98 8.25
CA ILE A 5 -7.62 7.21 7.54
C ILE A 5 -8.99 7.67 8.05
N LEU A 6 -9.00 8.85 8.70
CA LEU A 6 -10.22 9.42 9.28
C LEU A 6 -11.18 9.79 8.18
N SER A 7 -12.45 9.84 8.57
CA SER A 7 -13.57 9.90 7.61
C SER A 7 -14.67 10.89 7.93
N PHE A 8 -15.16 11.54 6.88
CA PHE A 8 -16.21 12.53 6.98
C PHE A 8 -17.46 11.87 7.55
N PRO A 9 -18.06 12.37 8.65
CA PRO A 9 -17.87 13.72 9.21
C PRO A 9 -16.97 13.91 10.47
N ASP A 10 -16.02 13.01 10.72
CA ASP A 10 -15.19 13.07 11.94
C ASP A 10 -14.63 14.49 12.24
N PRO A 11 -14.92 15.06 13.43
CA PRO A 11 -14.50 16.44 13.77
C PRO A 11 -13.00 16.68 14.01
N ARG A 12 -12.21 15.61 14.05
CA ARG A 12 -10.74 15.73 13.99
C ARG A 12 -10.24 16.09 12.57
N LEU A 13 -11.10 15.97 11.56
CA LEU A 13 -10.78 16.50 10.24
C LEU A 13 -10.84 18.04 10.13
N ARG A 14 -11.24 18.72 11.20
CA ARG A 14 -11.33 20.17 11.20
C ARG A 14 -10.22 20.82 11.98
N THR A 15 -9.39 20.02 12.64
CA THR A 15 -8.28 20.59 13.39
C THR A 15 -7.31 21.27 12.43
N ILE A 16 -6.82 22.42 12.87
CA ILE A 16 -5.87 23.21 12.12
C ILE A 16 -4.51 22.66 12.49
N ALA A 17 -3.86 21.97 11.57
CA ALA A 17 -2.53 21.49 11.84
C ALA A 17 -1.59 22.61 12.38
N LYS A 18 -0.92 22.36 13.51
CA LYS A 18 0.15 23.26 13.99
C LYS A 18 1.46 22.93 13.23
N PRO A 19 2.36 23.92 13.03
CA PRO A 19 3.60 23.62 12.32
C PRO A 19 4.50 22.62 13.02
N VAL A 20 5.50 22.14 12.31
CA VAL A 20 6.55 21.26 12.85
C VAL A 20 7.72 22.10 13.37
N GLU A 21 8.21 21.80 14.56
CA GLU A 21 9.32 22.57 15.21
C GLU A 21 10.76 22.06 14.94
N GLU A 22 10.92 20.75 14.80
CA GLU A 22 12.11 20.17 14.15
C GLU A 22 11.78 18.75 13.66
N VAL A 23 12.63 18.26 12.78
CA VAL A 23 12.52 16.94 12.22
C VAL A 23 13.20 15.93 13.14
N THR A 24 12.40 15.25 13.96
CA THR A 24 12.93 14.34 14.97
C THR A 24 12.72 12.91 14.44
N ASP A 25 13.01 11.92 15.30
CA ASP A 25 12.77 10.50 14.98
C ASP A 25 11.31 10.24 14.56
N GLU A 26 10.35 10.86 15.27
CA GLU A 26 8.91 10.61 15.14
C GLU A 26 8.35 11.09 13.82
N ILE A 27 8.75 12.28 13.39
CA ILE A 27 8.18 12.86 12.16
C ILE A 27 8.66 12.11 10.93
N ARG A 28 9.83 11.50 11.03
CA ARG A 28 10.32 10.61 9.98
C ARG A 28 9.55 9.28 9.95
N GLN A 29 9.24 8.72 11.12
CA GLN A 29 8.43 7.51 11.14
C GLN A 29 7.10 7.83 10.49
N LEU A 30 6.52 8.97 10.86
CA LEU A 30 5.18 9.32 10.38
C LEU A 30 5.08 9.58 8.85
N ALA A 31 6.06 10.32 8.32
CA ALA A 31 6.12 10.56 6.87
C ALA A 31 6.22 9.22 6.12
N ALA A 32 6.90 8.24 6.75
CA ALA A 32 7.05 6.87 6.21
C ALA A 32 5.78 6.01 6.36
N ASP A 33 5.14 6.09 7.51
CA ASP A 33 3.86 5.42 7.72
C ASP A 33 2.85 5.94 6.69
N MET A 34 2.68 7.26 6.64
CA MET A 34 1.80 7.97 5.68
C MET A 34 1.93 7.60 4.22
N PHE A 35 3.17 7.44 3.75
CA PHE A 35 3.44 6.99 2.37
C PHE A 35 2.85 5.60 2.18
N GLU A 36 3.15 4.71 3.12
CA GLU A 36 2.54 3.37 3.12
C GLU A 36 1.00 3.48 3.08
N THR A 37 0.43 4.28 3.97
CA THR A 37 -1.04 4.42 4.07
C THR A 37 -1.65 4.97 2.76
N MET A 38 -0.93 5.87 2.09
CA MET A 38 -1.37 6.51 0.84
C MET A 38 -1.27 5.55 -0.35
N TYR A 39 -0.17 4.81 -0.42
CA TYR A 39 0.05 3.79 -1.44
C TYR A 39 -0.90 2.63 -1.23
N ALA A 40 -1.20 2.32 0.04
CA ALA A 40 -2.16 1.28 0.41
C ALA A 40 -3.62 1.59 0.03
N ALA A 41 -4.09 2.80 0.30
CA ALA A 41 -5.50 3.17 0.10
C ALA A 41 -6.21 2.74 -1.24
N PRO A 42 -5.69 3.00 -2.44
CA PRO A 42 -4.54 3.86 -2.72
C PRO A 42 -4.97 5.30 -3.06
N GLY A 43 -4.01 6.21 -2.99
CA GLY A 43 -4.17 7.61 -3.39
C GLY A 43 -2.85 8.27 -3.78
N ILE A 44 -2.91 9.51 -4.21
CA ILE A 44 -1.70 10.21 -4.65
C ILE A 44 -1.20 11.25 -3.66
N GLY A 45 -1.99 11.54 -2.61
CA GLY A 45 -1.65 12.56 -1.60
C GLY A 45 -2.14 12.23 -0.21
N LEU A 46 -1.53 12.84 0.80
CA LEU A 46 -1.96 12.67 2.18
C LEU A 46 -1.42 13.75 3.11
N ALA A 47 -2.30 14.27 3.96
CA ALA A 47 -1.94 15.27 4.95
C ALA A 47 -2.05 14.61 6.30
N ALA A 48 -1.15 14.96 7.22
CA ALA A 48 -1.13 14.34 8.54
C ALA A 48 -2.47 14.45 9.27
N SER A 49 -3.19 15.55 9.07
CA SER A 49 -4.57 15.69 9.59
C SER A 49 -5.45 14.46 9.33
N GLN A 50 -5.28 13.80 8.17
CA GLN A 50 -6.13 12.63 7.78
C GLN A 50 -5.87 11.34 8.57
N VAL A 51 -4.68 11.18 9.07
CA VAL A 51 -4.39 10.09 10.01
C VAL A 51 -4.12 10.59 11.44
N ASP A 52 -4.89 11.61 11.85
CA ASP A 52 -5.01 12.09 13.26
C ASP A 52 -3.75 12.73 13.86
N ARG A 53 -3.06 13.50 13.02
CA ARG A 53 -1.82 14.15 13.39
C ARG A 53 -1.90 15.60 12.87
N HIS A 54 -2.08 16.54 13.78
CA HIS A 54 -2.44 17.90 13.43
C HIS A 54 -1.19 18.76 13.35
N ILE A 55 -0.42 18.42 12.33
CA ILE A 55 0.92 18.92 12.14
C ILE A 55 1.02 19.17 10.64
N GLN A 56 1.77 20.19 10.24
CA GLN A 56 1.75 20.60 8.85
C GLN A 56 2.67 19.69 8.09
N LEU A 57 2.18 18.52 7.71
CA LEU A 57 3.01 17.54 7.05
C LEU A 57 2.19 16.98 5.94
N ILE A 58 2.77 16.97 4.73
CA ILE A 58 2.13 16.42 3.52
C ILE A 58 3.09 15.48 2.75
N VAL A 59 2.67 14.24 2.47
CA VAL A 59 3.40 13.35 1.53
C VAL A 59 2.62 13.24 0.22
N MET A 60 3.30 12.83 -0.84
CA MET A 60 2.70 12.82 -2.17
C MET A 60 3.54 12.03 -3.19
N ASP A 61 2.86 11.29 -4.06
CA ASP A 61 3.46 10.61 -5.19
C ASP A 61 2.43 10.51 -6.32
N LEU A 62 2.70 11.20 -7.41
CA LEU A 62 1.73 11.30 -8.52
C LEU A 62 1.90 10.22 -9.59
N SER A 63 3.01 9.50 -9.58
CA SER A 63 3.37 8.61 -10.69
C SER A 63 2.55 7.31 -10.73
N GLU A 64 2.33 6.78 -11.92
CA GLU A 64 1.70 5.47 -12.08
C GLU A 64 2.56 4.40 -11.44
N SER A 65 3.87 4.56 -11.55
CA SER A 65 4.84 3.59 -11.03
C SER A 65 5.06 3.63 -9.49
N LYS A 66 4.42 4.58 -8.77
CA LYS A 66 4.52 4.67 -7.29
C LYS A 66 5.98 4.82 -6.83
N ASP A 67 6.68 5.73 -7.53
CA ASP A 67 8.13 5.88 -7.51
C ASP A 67 8.64 7.34 -7.56
N GLU A 68 7.75 8.33 -7.49
CA GLU A 68 8.15 9.75 -7.37
C GLU A 68 7.64 10.39 -6.05
N PRO A 69 8.09 9.84 -4.89
CA PRO A 69 7.69 10.41 -3.60
C PRO A 69 8.07 11.87 -3.42
N MET A 70 7.21 12.60 -2.72
CA MET A 70 7.46 13.99 -2.38
C MET A 70 6.97 14.19 -0.96
N VAL A 71 7.66 15.07 -0.24
CA VAL A 71 7.44 15.33 1.19
C VAL A 71 7.50 16.81 1.49
N PHE A 72 6.36 17.38 1.88
CA PHE A 72 6.28 18.80 2.16
C PHE A 72 6.11 19.00 3.65
N ILE A 73 6.86 19.91 4.22
CA ILE A 73 6.78 20.25 5.65
C ILE A 73 6.75 21.78 5.81
N ASN A 74 5.87 22.27 6.71
CA ASN A 74 5.49 23.70 6.85
C ASN A 74 5.43 24.33 5.46
N PRO A 75 4.58 23.74 4.59
CA PRO A 75 4.42 24.40 3.31
C PRO A 75 3.69 25.76 3.38
N LYS A 76 3.83 26.52 2.29
CA LYS A 76 3.07 27.71 2.04
C LYS A 76 2.81 27.74 0.51
N VAL A 77 1.54 27.96 0.16
CA VAL A 77 1.06 27.96 -1.22
C VAL A 77 0.36 29.30 -1.55
N THR A 78 0.84 29.94 -2.61
CA THR A 78 0.32 31.25 -3.03
C THR A 78 -0.27 31.05 -4.42
N PRO A 79 -1.52 31.50 -4.65
CA PRO A 79 -2.04 31.50 -6.03
C PRO A 79 -1.32 32.50 -6.90
N LEU A 80 -0.84 32.04 -8.06
CA LEU A 80 -0.21 32.89 -9.08
C LEU A 80 -1.20 33.51 -10.10
N THR A 81 -2.50 33.22 -9.94
CA THR A 81 -3.53 33.90 -10.74
C THR A 81 -4.96 33.68 -10.19
N GLU A 82 -5.87 34.51 -10.72
CA GLU A 82 -7.28 34.18 -10.74
C GLU A 82 -7.47 33.65 -12.13
N GLU A 83 -7.34 32.33 -12.22
CA GLU A 83 -7.74 31.59 -13.39
C GLU A 83 -7.94 30.18 -12.86
N THR A 84 -9.07 30.01 -12.17
CA THR A 84 -9.44 28.73 -11.59
C THR A 84 -9.65 27.68 -12.70
N GLN A 85 -8.93 26.56 -12.63
CA GLN A 85 -9.12 25.40 -13.54
C GLN A 85 -9.92 24.32 -12.82
N PRO A 86 -11.08 23.92 -13.36
CA PRO A 86 -11.91 22.91 -12.70
C PRO A 86 -11.29 21.53 -12.77
N TYR A 87 -11.62 20.68 -11.82
CA TYR A 87 -10.97 19.36 -11.70
C TYR A 87 -11.79 18.36 -10.86
N GLU A 88 -12.26 17.28 -11.48
CA GLU A 88 -12.93 16.21 -10.75
C GLU A 88 -12.01 15.65 -9.67
N GLU A 89 -12.36 15.87 -8.39
CA GLU A 89 -11.57 15.33 -7.26
C GLU A 89 -12.35 14.32 -6.42
N GLY A 90 -11.57 13.55 -5.67
CA GLY A 90 -12.07 12.68 -4.62
C GLY A 90 -11.13 12.77 -3.43
N CYS A 91 -11.54 12.17 -2.32
CA CYS A 91 -10.76 12.26 -1.10
C CYS A 91 -10.85 10.95 -0.41
N LEU A 92 -9.79 10.57 0.29
CA LEU A 92 -9.74 9.30 1.01
C LEU A 92 -10.53 9.40 2.29
N SER A 93 -10.51 10.58 2.89
CA SER A 93 -11.40 10.90 3.98
C SER A 93 -12.86 11.09 3.59
N VAL A 94 -13.16 11.13 2.28
CA VAL A 94 -14.55 11.16 1.72
C VAL A 94 -14.84 10.10 0.63
N PRO A 95 -14.73 8.80 0.97
CA PRO A 95 -14.76 7.66 0.00
C PRO A 95 -15.89 7.62 -1.05
N GLN A 96 -15.53 7.22 -2.26
CA GLN A 96 -16.47 7.07 -3.37
C GLN A 96 -17.31 8.33 -3.75
N ILE A 97 -17.03 9.48 -3.13
CA ILE A 97 -17.61 10.76 -3.56
C ILE A 97 -16.66 11.49 -4.49
N TYR A 98 -17.20 11.99 -5.60
CA TYR A 98 -16.44 12.77 -6.56
C TYR A 98 -17.35 13.84 -7.15
N ASP A 99 -16.79 15.04 -7.38
CA ASP A 99 -17.46 16.09 -8.21
C ASP A 99 -16.35 17.10 -8.59
N LYS A 100 -16.70 18.10 -9.39
CA LYS A 100 -15.73 19.08 -9.91
C LYS A 100 -15.52 20.25 -8.91
N VAL A 101 -14.27 20.70 -8.79
CA VAL A 101 -13.89 21.81 -7.88
C VAL A 101 -12.87 22.75 -8.56
N ASP A 102 -13.06 24.04 -8.27
CA ASP A 102 -12.31 25.10 -8.90
C ASP A 102 -11.32 25.64 -7.94
N ARG A 103 -10.05 25.61 -8.34
CA ARG A 103 -8.99 26.21 -7.61
C ARG A 103 -8.08 26.93 -8.58
N PRO A 104 -7.21 27.81 -8.08
CA PRO A 104 -6.15 28.38 -8.92
C PRO A 104 -5.40 27.32 -9.70
N SER A 105 -4.92 27.69 -10.88
CA SER A 105 -4.28 26.78 -11.83
C SER A 105 -2.77 26.82 -11.75
N ARG A 106 -2.21 28.02 -11.58
CA ARG A 106 -0.77 28.20 -11.37
C ARG A 106 -0.52 28.60 -9.90
N VAL A 107 0.42 27.92 -9.23
CA VAL A 107 0.73 28.17 -7.80
C VAL A 107 2.21 28.03 -7.43
N LYS A 108 2.67 28.86 -6.51
CA LYS A 108 4.02 28.79 -6.00
C LYS A 108 3.90 27.97 -4.75
N ILE A 109 4.88 27.09 -4.54
CA ILE A 109 4.88 26.26 -3.36
C ILE A 109 6.23 26.45 -2.71
N GLU A 110 6.18 26.66 -1.40
CA GLU A 110 7.38 26.87 -0.60
C GLU A 110 7.28 25.90 0.53
N ALA A 111 8.36 25.19 0.82
CA ALA A 111 8.42 24.30 1.99
C ALA A 111 9.86 23.82 2.21
N ILE A 112 10.02 22.95 3.21
CA ILE A 112 11.21 22.13 3.34
C ILE A 112 10.84 20.68 3.10
N ASN A 113 11.86 19.88 2.75
CA ASN A 113 11.70 18.42 2.62
C ASN A 113 12.08 17.72 3.93
N LEU A 114 12.02 16.39 3.90
CA LEU A 114 12.36 15.56 5.06
C LEU A 114 13.68 15.93 5.72
N GLU A 115 14.74 16.10 4.92
CA GLU A 115 16.07 16.48 5.45
C GLU A 115 16.20 18.00 5.70
N GLY A 116 15.12 18.76 5.49
CA GLY A 116 15.14 20.19 5.76
C GLY A 116 15.72 21.08 4.66
N GLN A 117 15.95 20.53 3.46
CA GLN A 117 16.34 21.37 2.34
C GLN A 117 15.14 22.18 1.89
N ALA A 118 15.31 23.48 1.84
CA ALA A 118 14.28 24.35 1.32
C ALA A 118 14.16 24.24 -0.19
N PHE A 119 12.92 24.30 -0.67
CA PHE A 119 12.67 24.41 -2.08
C PHE A 119 11.55 25.39 -2.26
N GLU A 120 11.34 25.79 -3.50
CA GLU A 120 10.40 26.86 -3.84
C GLU A 120 10.10 26.77 -5.31
N ILE A 121 9.05 26.03 -5.65
CA ILE A 121 8.71 25.78 -7.05
C ILE A 121 7.36 26.35 -7.46
N GLU A 122 7.21 26.48 -8.79
CA GLU A 122 5.96 26.97 -9.43
C GLU A 122 5.28 25.79 -10.14
N ALA A 123 3.99 25.60 -9.83
CA ALA A 123 3.26 24.34 -10.04
C ALA A 123 1.96 24.40 -10.89
N ASP A 124 1.83 23.41 -11.77
CA ASP A 124 0.79 23.38 -12.78
C ASP A 124 -0.13 22.17 -12.62
N GLY A 125 -1.35 22.29 -13.14
CA GLY A 125 -2.22 21.15 -13.35
C GLY A 125 -2.46 20.34 -12.10
N LEU A 126 -2.02 19.09 -12.11
CA LEU A 126 -2.42 18.12 -11.12
C LEU A 126 -1.66 18.30 -9.83
N LEU A 127 -0.38 18.63 -9.93
CA LEU A 127 0.42 19.00 -8.78
C LEU A 127 -0.18 20.16 -8.01
N ALA A 128 -0.50 21.23 -8.73
CA ALA A 128 -1.18 22.41 -8.16
C ALA A 128 -2.59 22.11 -7.64
N VAL A 129 -3.28 21.13 -8.23
CA VAL A 129 -4.57 20.66 -7.70
C VAL A 129 -4.41 19.85 -6.41
N CYS A 130 -3.49 18.90 -6.47
CA CYS A 130 -3.19 18.03 -5.33
C CYS A 130 -2.73 18.87 -4.15
N ILE A 131 -1.75 19.74 -4.34
CA ILE A 131 -1.18 20.52 -3.22
C ILE A 131 -2.20 21.37 -2.50
N GLN A 132 -3.06 22.04 -3.25
CA GLN A 132 -4.13 22.85 -2.64
C GLN A 132 -5.09 21.99 -1.88
N HIS A 133 -5.36 20.79 -2.38
CA HIS A 133 -6.23 19.83 -1.70
C HIS A 133 -5.63 19.40 -0.36
N GLU A 134 -4.34 19.07 -0.32
CA GLU A 134 -3.72 18.65 0.95
C GLU A 134 -3.54 19.81 1.94
N MET A 135 -3.40 21.03 1.39
CA MET A 135 -3.25 22.20 2.20
C MET A 135 -4.58 22.53 2.90
N ASP A 136 -5.66 22.48 2.12
CA ASP A 136 -7.01 22.50 2.66
C ASP A 136 -7.13 21.54 3.85
N HIS A 137 -6.63 20.31 3.72
CA HIS A 137 -6.70 19.36 4.86
C HIS A 137 -6.02 19.89 6.13
N LEU A 138 -4.84 20.49 5.98
CA LEU A 138 -4.10 21.05 7.12
C LEU A 138 -4.83 22.22 7.74
N ASN A 139 -5.64 22.94 6.98
CA ASN A 139 -6.45 24.02 7.54
C ASN A 139 -7.92 23.64 7.68
N GLY A 140 -8.17 22.37 8.02
CA GLY A 140 -9.49 21.89 8.39
C GLY A 140 -10.52 21.92 7.30
N LYS A 141 -10.08 21.85 6.04
CA LYS A 141 -10.95 22.00 4.85
C LYS A 141 -11.03 20.72 4.01
N LEU A 142 -12.27 20.40 3.60
CA LEU A 142 -12.61 19.28 2.75
C LEU A 142 -13.19 19.81 1.42
N PHE A 143 -12.94 19.09 0.35
CA PHE A 143 -13.32 19.56 -0.98
C PHE A 143 -14.84 19.69 -1.09
N VAL A 144 -15.55 18.89 -0.28
CA VAL A 144 -17.02 19.02 -0.17
C VAL A 144 -17.49 20.42 0.30
N ASP A 145 -16.63 21.11 1.04
CA ASP A 145 -16.91 22.48 1.47
C ASP A 145 -17.03 23.43 0.28
N TYR A 146 -16.49 23.08 -0.89
CA TYR A 146 -16.68 23.92 -2.08
C TYR A 146 -18.03 23.73 -2.77
N LEU A 147 -18.82 22.77 -2.27
CA LEU A 147 -20.11 22.39 -2.87
C LEU A 147 -21.27 23.04 -2.15
N SER A 148 -22.45 22.91 -2.78
CA SER A 148 -23.73 23.32 -2.19
C SER A 148 -23.95 22.47 -0.95
N PRO A 149 -24.62 23.05 0.07
CA PRO A 149 -24.63 22.38 1.37
C PRO A 149 -25.50 21.09 1.46
N LEU A 150 -26.39 20.87 0.48
CA LEU A 150 -27.15 19.60 0.39
C LEU A 150 -26.36 18.52 -0.35
N LYS A 151 -25.72 18.87 -1.46
CA LYS A 151 -24.87 17.92 -2.18
C LYS A 151 -23.76 17.36 -1.25
N ARG A 152 -23.38 18.16 -0.27
CA ARG A 152 -22.49 17.75 0.82
C ARG A 152 -23.20 17.07 2.01
N GLN A 153 -24.43 17.47 2.28
CA GLN A 153 -25.25 16.85 3.30
C GLN A 153 -25.44 15.37 2.93
N ARG A 154 -25.92 15.15 1.71
CA ARG A 154 -26.03 13.81 1.11
C ARG A 154 -24.71 13.03 1.13
N ALA A 155 -23.58 13.75 1.10
CA ALA A 155 -22.26 13.18 1.22
C ALA A 155 -21.93 12.79 2.66
N ARG A 156 -22.36 13.56 3.65
CA ARG A 156 -22.31 13.02 5.03
C ARG A 156 -22.98 11.61 5.11
N GLU A 157 -24.08 11.42 4.36
CA GLU A 157 -24.88 10.17 4.41
C GLU A 157 -24.33 9.00 3.60
N LYS A 158 -23.89 9.28 2.38
CA LYS A 158 -23.32 8.25 1.52
C LYS A 158 -22.08 7.66 2.23
N VAL A 159 -21.31 8.52 2.90
CA VAL A 159 -20.10 8.11 3.57
C VAL A 159 -20.40 7.37 4.86
N GLU A 160 -21.33 7.90 5.65
CA GLU A 160 -21.70 7.24 6.91
C GLU A 160 -22.22 5.82 6.66
N LYS A 161 -22.88 5.63 5.52
CA LYS A 161 -23.39 4.31 5.15
C LYS A 161 -22.28 3.36 4.68
N ILE A 162 -21.31 3.93 3.96
CA ILE A 162 -20.12 3.25 3.52
C ILE A 162 -19.30 2.75 4.71
N VAL A 163 -19.21 3.57 5.75
CA VAL A 163 -18.35 3.24 6.88
C VAL A 163 -19.00 2.18 7.74
N ARG A 164 -20.33 2.23 7.80
CA ARG A 164 -21.15 1.19 8.43
C ARG A 164 -20.78 -0.18 7.84
N GLN A 165 -20.88 -0.30 6.53
CA GLN A 165 -20.40 -1.49 5.82
C GLN A 165 -18.88 -1.69 5.84
N ARG A 166 -18.06 -0.69 6.17
CA ARG A 166 -16.62 -0.95 6.43
C ARG A 166 -16.50 -1.76 7.73
N GLU A 167 -17.17 -1.27 8.78
CA GLU A 167 -17.24 -1.89 10.10
C GLU A 167 -17.84 -3.30 10.12
N ARG A 168 -18.97 -3.50 9.44
CA ARG A 168 -19.57 -4.85 9.28
C ARG A 168 -18.65 -5.82 8.48
N GLU A 169 -17.78 -5.26 7.64
CA GLU A 169 -16.69 -5.95 6.91
C GLU A 169 -15.38 -6.21 7.68
N LYS A 170 -15.16 -5.56 8.83
CA LYS A 170 -13.82 -5.53 9.44
C LYS A 170 -13.86 -6.06 10.86
N ALA B 1 11.72 1.78 -0.67
CA ALA B 1 10.59 1.60 0.31
C ALA B 1 9.57 0.51 -0.15
N LEU B 2 8.91 0.78 -1.29
CA LEU B 2 8.21 -0.23 -2.06
C LEU B 2 9.23 -0.93 -2.90
N LEU B 3 9.18 -2.24 -2.91
CA LEU B 3 10.06 -3.03 -3.70
C LEU B 3 9.36 -3.44 -4.98
N PRO B 4 10.07 -3.39 -6.11
CA PRO B 4 9.47 -3.95 -7.31
C PRO B 4 9.40 -5.47 -7.22
N ILE B 5 8.33 -6.00 -7.77
CA ILE B 5 7.95 -7.40 -7.68
C ILE B 5 8.26 -8.05 -9.02
N LEU B 6 9.05 -9.12 -8.96
CA LEU B 6 9.44 -9.84 -10.14
C LEU B 6 8.21 -10.57 -10.69
N SER B 7 8.24 -10.76 -12.00
CA SER B 7 7.13 -11.37 -12.72
C SER B 7 7.60 -12.59 -13.42
N PHE B 8 6.78 -13.63 -13.34
CA PHE B 8 6.85 -14.76 -14.24
C PHE B 8 7.08 -14.24 -15.70
N PRO B 9 8.04 -14.78 -16.46
CA PRO B 9 8.92 -15.88 -16.08
C PRO B 9 10.38 -15.44 -15.86
N ASP B 10 10.59 -14.38 -15.07
CA ASP B 10 11.93 -13.95 -14.62
C ASP B 10 12.63 -15.09 -13.91
N PRO B 11 13.82 -15.50 -14.37
CA PRO B 11 14.49 -16.65 -13.72
C PRO B 11 14.82 -16.50 -12.22
N ARG B 12 14.96 -15.26 -11.75
CA ARG B 12 15.30 -15.00 -10.34
C ARG B 12 14.23 -15.48 -9.35
N LEU B 13 12.98 -15.60 -9.82
CA LEU B 13 11.91 -16.25 -9.05
C LEU B 13 12.12 -17.78 -8.83
N ARG B 14 13.14 -18.36 -9.46
CA ARG B 14 13.54 -19.77 -9.27
C ARG B 14 14.74 -19.96 -8.32
N THR B 15 15.32 -18.87 -7.81
CA THR B 15 16.38 -18.91 -6.80
C THR B 15 15.84 -19.47 -5.50
N ILE B 16 16.55 -20.46 -4.97
CA ILE B 16 16.23 -21.08 -3.66
C ILE B 16 16.71 -20.05 -2.65
N ALA B 17 15.93 -19.85 -1.60
CA ALA B 17 16.28 -18.91 -0.55
C ALA B 17 17.20 -19.53 0.52
N LYS B 18 18.22 -18.78 0.90
CA LYS B 18 19.11 -19.18 1.97
C LYS B 18 18.44 -19.01 3.34
N PRO B 19 18.89 -19.77 4.35
CA PRO B 19 18.57 -19.45 5.75
C PRO B 19 18.96 -18.03 6.16
N VAL B 20 18.07 -17.33 6.87
CA VAL B 20 18.40 -16.08 7.55
C VAL B 20 19.34 -16.39 8.74
N GLU B 21 20.52 -15.77 8.74
CA GLU B 21 21.60 -16.10 9.70
C GLU B 21 21.46 -15.41 11.05
N GLU B 22 21.18 -14.11 11.01
CA GLU B 22 20.80 -13.34 12.18
C GLU B 22 19.83 -12.23 11.73
N VAL B 23 19.12 -11.72 12.71
CA VAL B 23 18.07 -10.77 12.46
C VAL B 23 18.67 -9.39 12.68
N THR B 24 19.39 -8.91 11.67
CA THR B 24 19.98 -7.58 11.74
C THR B 24 18.91 -6.53 11.41
N ASP B 25 19.30 -5.25 11.43
CA ASP B 25 18.34 -4.18 11.12
C ASP B 25 18.09 -4.02 9.63
N GLU B 26 18.92 -4.65 8.82
CA GLU B 26 18.69 -4.60 7.36
C GLU B 26 17.57 -5.57 6.99
N ILE B 27 17.38 -6.62 7.80
CA ILE B 27 16.26 -7.53 7.58
C ILE B 27 14.92 -7.03 8.17
N ARG B 28 14.97 -6.14 9.16
CA ARG B 28 13.74 -5.54 9.69
C ARG B 28 13.22 -4.51 8.73
N GLN B 29 14.15 -3.76 8.12
CA GLN B 29 13.82 -2.88 7.00
C GLN B 29 13.16 -3.73 5.90
N LEU B 30 13.73 -4.90 5.61
CA LEU B 30 13.18 -5.75 4.56
C LEU B 30 11.77 -6.20 4.87
N ALA B 31 11.55 -6.63 6.11
CA ALA B 31 10.21 -7.07 6.57
C ALA B 31 9.18 -5.93 6.52
N ALA B 32 9.61 -4.71 6.83
CA ALA B 32 8.71 -3.57 6.74
C ALA B 32 8.40 -3.18 5.27
N ASP B 33 9.42 -3.22 4.42
CA ASP B 33 9.27 -2.95 2.99
C ASP B 33 8.35 -3.92 2.24
N MET B 34 8.66 -5.20 2.36
CA MET B 34 7.76 -6.28 2.00
C MET B 34 6.31 -5.99 2.45
N PHE B 35 6.11 -5.72 3.74
CA PHE B 35 4.79 -5.30 4.26
C PHE B 35 4.18 -4.13 3.47
N GLU B 36 4.95 -3.07 3.32
CA GLU B 36 4.53 -1.95 2.46
C GLU B 36 4.13 -2.48 1.08
N THR B 37 5.08 -3.15 0.43
CA THR B 37 4.90 -3.72 -0.90
C THR B 37 3.68 -4.61 -0.98
N MET B 38 3.42 -5.39 0.05
CA MET B 38 2.30 -6.32 0.06
C MET B 38 0.99 -5.55 0.07
N TYR B 39 0.80 -4.72 1.09
CA TYR B 39 -0.38 -3.88 1.24
C TYR B 39 -0.58 -2.94 0.07
N ALA B 40 0.51 -2.54 -0.59
CA ALA B 40 0.40 -1.75 -1.81
C ALA B 40 -0.23 -2.52 -3.01
N ALA B 41 0.06 -3.82 -3.12
CA ALA B 41 -0.31 -4.59 -4.32
C ALA B 41 -1.81 -4.58 -4.79
N PRO B 42 -2.81 -4.93 -4.00
CA PRO B 42 -2.69 -5.52 -2.68
C PRO B 42 -2.45 -7.03 -2.78
N GLY B 43 -1.81 -7.57 -1.76
CA GLY B 43 -1.73 -8.99 -1.56
C GLY B 43 -1.98 -9.30 -0.12
N ILE B 44 -2.26 -10.57 0.16
CA ILE B 44 -2.37 -11.09 1.53
C ILE B 44 -1.08 -11.80 2.00
N GLY B 45 -0.16 -12.06 1.06
CA GLY B 45 1.12 -12.70 1.38
C GLY B 45 2.25 -12.11 0.59
N LEU B 46 3.47 -12.29 1.08
CA LEU B 46 4.66 -12.08 0.25
C LEU B 46 5.90 -12.82 0.79
N ALA B 47 6.61 -13.46 -0.15
CA ALA B 47 7.88 -14.11 0.10
C ALA B 47 8.95 -13.14 -0.33
N ALA B 48 10.12 -13.22 0.30
CA ALA B 48 11.20 -12.30 -0.01
C ALA B 48 11.74 -12.54 -1.41
N SER B 49 11.66 -13.78 -1.87
CA SER B 49 11.99 -14.14 -3.27
C SER B 49 11.27 -13.29 -4.36
N GLN B 50 10.01 -12.91 -4.10
CA GLN B 50 9.22 -12.13 -5.05
C GLN B 50 9.84 -10.77 -5.27
N VAL B 51 10.49 -10.26 -4.22
CA VAL B 51 11.24 -9.00 -4.31
C VAL B 51 12.77 -9.19 -4.46
N ASP B 52 13.17 -10.29 -5.06
CA ASP B 52 14.55 -10.52 -5.38
C ASP B 52 15.51 -10.47 -4.18
N ARG B 53 15.03 -10.99 -3.06
CA ARG B 53 15.88 -11.20 -1.91
C ARG B 53 15.71 -12.65 -1.50
N HIS B 54 16.80 -13.39 -1.59
CA HIS B 54 16.72 -14.84 -1.68
C HIS B 54 17.11 -15.47 -0.36
N ILE B 55 16.24 -15.20 0.62
CA ILE B 55 16.40 -15.55 2.02
C ILE B 55 15.04 -15.99 2.55
N GLN B 56 15.04 -16.83 3.59
CA GLN B 56 13.81 -17.52 3.99
C GLN B 56 12.99 -16.67 4.93
N LEU B 57 12.31 -15.69 4.32
CA LEU B 57 11.46 -14.72 4.99
C LEU B 57 10.17 -14.62 4.24
N ILE B 58 9.04 -14.67 4.97
CA ILE B 58 7.74 -14.25 4.42
C ILE B 58 6.99 -13.31 5.37
N VAL B 59 6.12 -12.48 4.78
CA VAL B 59 5.16 -11.66 5.55
C VAL B 59 3.75 -11.92 5.09
N MET B 60 2.83 -11.61 5.98
CA MET B 60 1.44 -12.01 5.76
C MET B 60 0.40 -11.23 6.58
N ASP B 61 -0.69 -10.87 5.90
CA ASP B 61 -1.86 -10.29 6.52
C ASP B 61 -3.09 -10.72 5.70
N LEU B 62 -3.77 -11.76 6.16
CA LEU B 62 -5.00 -12.23 5.54
C LEU B 62 -6.24 -11.40 5.90
N SER B 63 -6.09 -10.35 6.72
CA SER B 63 -7.27 -9.64 7.25
C SER B 63 -7.71 -8.51 6.32
N GLU B 64 -9.02 -8.42 6.06
CA GLU B 64 -9.65 -7.28 5.41
C GLU B 64 -9.29 -5.94 6.05
N SER B 65 -9.18 -5.96 7.38
CA SER B 65 -8.86 -4.75 8.13
C SER B 65 -7.39 -4.31 7.99
N LYS B 66 -6.55 -5.07 7.27
CA LYS B 66 -5.16 -4.65 7.02
C LYS B 66 -4.37 -4.35 8.32
N ASP B 67 -4.66 -5.18 9.33
CA ASP B 67 -4.20 -4.96 10.70
C ASP B 67 -4.05 -6.29 11.51
N GLU B 68 -3.72 -7.37 10.81
CA GLU B 68 -3.39 -8.65 11.44
C GLU B 68 -2.10 -9.29 10.84
N PRO B 69 -1.00 -8.51 10.81
CA PRO B 69 0.23 -8.96 10.18
C PRO B 69 1.00 -10.02 10.99
N MET B 70 1.62 -10.92 10.26
CA MET B 70 2.43 -11.99 10.79
C MET B 70 3.68 -12.10 9.92
N VAL B 71 4.79 -12.51 10.53
CA VAL B 71 6.11 -12.55 9.88
C VAL B 71 6.85 -13.86 10.23
N PHE B 72 7.22 -14.63 9.20
CA PHE B 72 7.82 -15.94 9.41
C PHE B 72 9.25 -15.88 8.94
N ILE B 73 10.17 -16.32 9.80
CA ILE B 73 11.59 -16.43 9.47
C ILE B 73 12.04 -17.91 9.56
N ASN B 74 12.79 -18.37 8.56
CA ASN B 74 13.19 -19.78 8.46
C ASN B 74 12.02 -20.71 8.73
N PRO B 75 10.93 -20.51 7.98
CA PRO B 75 9.74 -21.31 8.19
C PRO B 75 9.91 -22.77 7.76
N LYS B 76 9.20 -23.66 8.45
CA LYS B 76 9.17 -25.10 8.17
C LYS B 76 7.72 -25.55 8.24
N VAL B 77 7.31 -26.31 7.24
CA VAL B 77 5.93 -26.71 7.03
C VAL B 77 5.92 -28.20 6.59
N THR B 78 5.11 -28.99 7.26
CA THR B 78 4.95 -30.39 6.92
C THR B 78 3.47 -30.63 6.80
N PRO B 79 3.03 -31.35 5.75
CA PRO B 79 1.59 -31.63 5.74
C PRO B 79 1.20 -32.46 6.95
N LEU B 80 0.10 -32.11 7.61
CA LEU B 80 -0.55 -32.95 8.62
C LEU B 80 -1.61 -33.89 8.03
N THR B 81 -1.71 -33.94 6.70
CA THR B 81 -2.55 -34.91 6.04
C THR B 81 -2.09 -35.19 4.59
N GLU B 82 -2.61 -36.29 4.04
CA GLU B 82 -2.54 -36.56 2.61
C GLU B 82 -3.70 -35.88 1.90
N GLU B 83 -4.79 -35.58 2.63
CA GLU B 83 -5.95 -34.87 2.06
C GLU B 83 -5.53 -33.52 1.50
N THR B 84 -6.01 -33.20 0.30
CA THR B 84 -5.71 -31.94 -0.33
C THR B 84 -7.01 -31.24 -0.76
N GLN B 85 -7.21 -30.01 -0.27
CA GLN B 85 -8.30 -29.13 -0.73
C GLN B 85 -7.83 -28.35 -1.97
N PRO B 86 -8.63 -28.31 -3.05
CA PRO B 86 -8.27 -27.41 -4.17
C PRO B 86 -8.69 -26.02 -3.81
N TYR B 87 -8.01 -25.01 -4.36
CA TYR B 87 -8.21 -23.63 -3.94
C TYR B 87 -7.87 -22.61 -5.02
N GLU B 88 -8.76 -21.65 -5.22
CA GLU B 88 -8.51 -20.60 -6.18
C GLU B 88 -7.30 -19.81 -5.70
N GLU B 89 -6.20 -19.94 -6.43
CA GLU B 89 -4.92 -19.27 -6.10
C GLU B 89 -4.59 -18.32 -7.21
N GLY B 90 -4.14 -17.12 -6.83
CA GLY B 90 -3.52 -16.15 -7.72
C GLY B 90 -2.19 -15.74 -7.13
N CYS B 91 -1.40 -14.98 -7.87
CA CYS B 91 -0.04 -14.65 -7.43
C CYS B 91 0.43 -13.33 -7.97
N LEU B 92 0.97 -12.49 -7.09
CA LEU B 92 1.45 -11.14 -7.46
C LEU B 92 2.51 -11.23 -8.55
N SER B 93 3.43 -12.15 -8.40
CA SER B 93 4.36 -12.45 -9.47
C SER B 93 3.75 -13.05 -10.74
N VAL B 94 2.46 -13.39 -10.74
CA VAL B 94 1.82 -13.98 -11.95
C VAL B 94 0.48 -13.26 -12.24
N PRO B 95 0.52 -11.93 -12.54
CA PRO B 95 -0.63 -11.02 -12.54
C PRO B 95 -1.78 -11.43 -13.44
N GLN B 96 -3.01 -11.22 -12.94
CA GLN B 96 -4.27 -11.43 -13.71
C GLN B 96 -4.63 -12.90 -14.07
N ILE B 97 -3.82 -13.87 -13.61
CA ILE B 97 -4.06 -15.32 -13.81
C ILE B 97 -4.57 -15.92 -12.50
N TYR B 98 -5.59 -16.77 -12.60
CA TYR B 98 -6.21 -17.38 -11.42
C TYR B 98 -6.59 -18.78 -11.83
N ASP B 99 -6.19 -19.75 -11.01
CA ASP B 99 -6.54 -21.16 -11.25
C ASP B 99 -6.47 -21.98 -9.96
N LYS B 100 -7.10 -23.16 -10.02
CA LYS B 100 -7.26 -24.00 -8.85
C LYS B 100 -5.99 -24.83 -8.65
N VAL B 101 -5.57 -24.96 -7.40
CA VAL B 101 -4.40 -25.73 -6.99
C VAL B 101 -4.83 -26.59 -5.81
N ASP B 102 -4.51 -27.89 -5.88
CA ASP B 102 -4.68 -28.80 -4.74
C ASP B 102 -3.43 -28.79 -3.86
N ARG B 103 -3.65 -28.57 -2.56
CA ARG B 103 -2.61 -28.66 -1.54
C ARG B 103 -3.18 -29.27 -0.26
N PRO B 104 -2.31 -29.83 0.61
CA PRO B 104 -2.80 -30.37 1.88
C PRO B 104 -3.62 -29.36 2.66
N SER B 105 -4.63 -29.86 3.36
CA SER B 105 -5.64 -29.04 3.99
C SER B 105 -5.15 -28.58 5.38
N ARG B 106 -4.63 -29.51 6.16
CA ARG B 106 -4.07 -29.21 7.48
C ARG B 106 -2.54 -29.28 7.44
N VAL B 107 -1.87 -28.21 7.89
CA VAL B 107 -0.38 -28.14 7.95
C VAL B 107 0.15 -27.71 9.30
N LYS B 108 1.35 -28.20 9.64
CA LYS B 108 2.10 -27.77 10.83
C LYS B 108 3.03 -26.66 10.39
N ILE B 109 3.11 -25.57 11.16
CA ILE B 109 4.00 -24.43 10.80
C ILE B 109 4.96 -24.14 11.96
N GLU B 110 6.26 -24.29 11.71
CA GLU B 110 7.30 -23.93 12.69
C GLU B 110 8.08 -22.79 12.09
N ALA B 111 8.40 -21.79 12.90
CA ALA B 111 9.19 -20.64 12.46
C ALA B 111 9.55 -19.78 13.67
N ILE B 112 10.08 -18.58 13.43
CA ILE B 112 10.26 -17.55 14.45
C ILE B 112 9.71 -16.24 13.91
N ASN B 113 9.15 -15.39 14.75
CA ASN B 113 8.88 -13.99 14.37
C ASN B 113 10.15 -13.12 14.26
N LEU B 114 9.93 -11.89 13.81
CA LEU B 114 10.93 -10.80 13.85
C LEU B 114 11.80 -10.63 15.08
N GLU B 115 11.26 -10.93 16.26
CA GLU B 115 11.97 -10.79 17.55
C GLU B 115 12.60 -12.10 18.08
N GLY B 116 12.74 -13.10 17.21
CA GLY B 116 13.35 -14.38 17.55
C GLY B 116 12.45 -15.33 18.35
N GLN B 117 11.16 -15.03 18.46
CA GLN B 117 10.27 -15.84 19.27
C GLN B 117 9.66 -16.97 18.44
N ALA B 118 9.96 -18.22 18.78
CA ALA B 118 9.41 -19.41 18.11
C ALA B 118 7.91 -19.71 18.41
N PHE B 119 7.21 -20.14 17.36
CA PHE B 119 5.80 -20.58 17.46
C PHE B 119 5.56 -21.84 16.65
N GLU B 120 4.50 -22.56 17.00
CA GLU B 120 4.11 -23.80 16.34
C GLU B 120 2.58 -23.93 16.26
N ILE B 121 2.08 -23.97 15.05
CA ILE B 121 0.65 -23.95 14.81
C ILE B 121 0.25 -24.96 13.74
N GLU B 122 -0.97 -25.47 13.92
CA GLU B 122 -1.62 -26.41 13.03
C GLU B 122 -2.64 -25.57 12.26
N ALA B 123 -2.30 -25.20 11.02
CA ALA B 123 -3.09 -24.26 10.19
C ALA B 123 -4.06 -24.95 9.24
N ASP B 124 -5.20 -24.34 8.98
CA ASP B 124 -6.12 -24.83 7.93
C ASP B 124 -6.70 -23.67 7.07
N GLY B 125 -7.48 -24.01 6.04
CA GLY B 125 -8.16 -23.02 5.20
C GLY B 125 -7.21 -22.07 4.51
N LEU B 126 -7.53 -20.80 4.52
CA LEU B 126 -6.80 -19.85 3.72
C LEU B 126 -5.39 -19.75 4.22
N LEU B 127 -5.25 -19.72 5.54
CA LEU B 127 -3.94 -19.64 6.16
C LEU B 127 -3.00 -20.72 5.67
N ALA B 128 -3.46 -21.96 5.73
CA ALA B 128 -2.66 -23.11 5.24
C ALA B 128 -2.33 -23.01 3.74
N VAL B 129 -3.25 -22.45 2.96
CA VAL B 129 -3.03 -22.28 1.50
C VAL B 129 -1.95 -21.22 1.24
N CYS B 130 -2.09 -20.09 1.93
CA CYS B 130 -1.13 -18.99 1.82
C CYS B 130 0.29 -19.44 2.17
N ILE B 131 0.46 -20.11 3.32
CA ILE B 131 1.78 -20.49 3.82
C ILE B 131 2.53 -21.45 2.88
N GLN B 132 1.83 -22.31 2.14
CA GLN B 132 2.50 -23.24 1.19
C GLN B 132 2.90 -22.51 -0.08
N HIS B 133 1.92 -21.86 -0.71
CA HIS B 133 2.15 -20.92 -1.80
C HIS B 133 3.47 -20.11 -1.57
N GLU B 134 3.55 -19.47 -0.42
CA GLU B 134 4.72 -18.67 -0.07
C GLU B 134 5.99 -19.53 0.15
N MET B 135 5.84 -20.66 0.82
CA MET B 135 6.98 -21.53 1.02
C MET B 135 7.49 -22.02 -0.34
N ASP B 136 6.56 -22.33 -1.25
CA ASP B 136 6.91 -22.60 -2.65
C ASP B 136 7.80 -21.51 -3.32
N HIS B 137 7.49 -20.25 -3.07
CA HIS B 137 8.33 -19.13 -3.51
C HIS B 137 9.76 -19.21 -3.03
N LEU B 138 9.99 -19.55 -1.76
CA LEU B 138 11.34 -19.71 -1.19
C LEU B 138 12.16 -20.85 -1.78
N ASN B 139 11.48 -21.88 -2.30
CA ASN B 139 12.14 -22.97 -3.00
C ASN B 139 11.90 -22.96 -4.50
N GLY B 140 11.76 -21.78 -5.07
CA GLY B 140 11.83 -21.59 -6.52
C GLY B 140 10.67 -22.18 -7.28
N LYS B 141 9.51 -22.18 -6.66
CA LYS B 141 8.31 -22.73 -7.24
C LYS B 141 7.26 -21.64 -7.34
N LEU B 142 6.54 -21.67 -8.46
CA LEU B 142 5.33 -20.88 -8.65
C LEU B 142 4.14 -21.84 -8.74
N PHE B 143 2.97 -21.32 -8.44
CA PHE B 143 1.74 -22.11 -8.45
C PHE B 143 1.43 -22.64 -9.85
N VAL B 144 1.80 -21.87 -10.88
CA VAL B 144 1.59 -22.26 -12.29
C VAL B 144 2.24 -23.60 -12.68
N ASP B 145 3.32 -23.96 -12.00
CA ASP B 145 3.98 -25.28 -12.10
C ASP B 145 3.09 -26.50 -11.77
N TYR B 146 2.07 -26.34 -10.90
CA TYR B 146 1.05 -27.41 -10.69
C TYR B 146 -0.03 -27.48 -11.79
N LEU B 147 -0.07 -26.54 -12.73
CA LEU B 147 -1.12 -26.52 -13.79
C LEU B 147 -0.77 -27.30 -15.06
N SER B 148 -1.83 -27.56 -15.85
CA SER B 148 -1.71 -28.15 -17.21
C SER B 148 -0.74 -27.31 -18.04
N PRO B 149 0.06 -27.95 -18.88
CA PRO B 149 1.09 -27.19 -19.56
C PRO B 149 0.53 -26.04 -20.42
N LEU B 150 -0.64 -26.23 -21.04
CA LEU B 150 -1.19 -25.19 -21.93
C LEU B 150 -1.78 -24.01 -21.13
N LYS B 151 -2.42 -24.33 -20.00
CA LYS B 151 -2.80 -23.28 -19.04
C LYS B 151 -1.57 -22.42 -18.69
N ARG B 152 -0.39 -23.06 -18.59
CA ARG B 152 0.87 -22.37 -18.37
C ARG B 152 1.44 -21.54 -19.52
N GLN B 153 1.37 -22.08 -20.74
CA GLN B 153 1.72 -21.30 -21.93
C GLN B 153 0.82 -20.07 -22.11
N ARG B 154 -0.47 -20.24 -21.87
CA ARG B 154 -1.44 -19.14 -21.93
C ARG B 154 -1.18 -18.03 -20.89
N ALA B 155 -0.58 -18.41 -19.75
CA ALA B 155 -0.34 -17.53 -18.63
C ALA B 155 0.86 -16.64 -18.89
N ARG B 156 1.95 -17.29 -19.30
CA ARG B 156 3.14 -16.63 -19.82
C ARG B 156 2.80 -15.56 -20.85
N GLU B 157 1.94 -15.92 -21.83
CA GLU B 157 1.52 -14.98 -22.90
C GLU B 157 0.86 -13.76 -22.31
N LYS B 158 -0.11 -14.02 -21.42
CA LYS B 158 -0.92 -12.98 -20.82
C LYS B 158 -0.07 -12.03 -19.97
N VAL B 159 0.84 -12.59 -19.15
CA VAL B 159 1.66 -11.81 -18.19
C VAL B 159 2.67 -10.94 -18.92
N GLU B 160 3.32 -11.53 -19.93
CA GLU B 160 4.25 -10.80 -20.81
C GLU B 160 3.55 -9.64 -21.56
N LYS B 161 2.26 -9.82 -21.84
CA LYS B 161 1.45 -8.78 -22.45
C LYS B 161 1.22 -7.68 -21.42
N ILE B 162 0.80 -8.09 -20.24
CA ILE B 162 0.57 -7.19 -19.11
C ILE B 162 1.82 -6.34 -18.68
N VAL B 163 3.01 -6.93 -18.76
CA VAL B 163 4.24 -6.28 -18.31
C VAL B 163 4.84 -5.39 -19.39
N ARG B 164 4.63 -5.78 -20.64
CA ARG B 164 4.90 -4.89 -21.78
C ARG B 164 4.05 -3.62 -21.63
N GLN B 165 2.77 -3.79 -21.27
CA GLN B 165 1.82 -2.67 -21.09
C GLN B 165 1.85 -1.87 -19.78
N ARG B 166 2.35 -2.47 -18.70
CA ARG B 166 2.73 -1.70 -17.48
C ARG B 166 3.92 -0.80 -17.84
N GLU B 167 4.81 -1.32 -18.68
CA GLU B 167 6.00 -0.58 -19.15
C GLU B 167 5.66 0.65 -20.00
N ARG B 168 4.69 0.52 -20.89
CA ARG B 168 4.25 1.69 -21.68
C ARG B 168 3.79 2.91 -20.82
N GLU B 169 3.75 2.75 -19.48
CA GLU B 169 3.56 3.84 -18.50
C GLU B 169 4.84 4.26 -17.72
N LYS B 170 5.47 5.35 -18.17
CA LYS B 170 6.41 6.14 -17.35
C LYS B 170 5.99 7.65 -17.40
N VAL B 171 6.89 8.58 -17.06
CA VAL B 171 6.55 10.02 -17.08
C VAL B 171 7.19 10.74 -18.27
#